data_5L9Y
#
_entry.id   5L9Y
#
_cell.length_a   46.430
_cell.length_b   71.260
_cell.length_c   78.910
_cell.angle_alpha   90.00
_cell.angle_beta   94.92
_cell.angle_gamma   90.00
#
_symmetry.space_group_name_H-M   'P 1 21 1'
#
loop_
_entity.id
_entity.type
_entity.pdbx_description
1 polymer Heparanase
2 polymer Heparanase
3 branched alpha-L-fucopyranose-(1-6)-2-acetamido-2-deoxy-beta-D-glucopyranose
4 non-polymer 2-acetamido-2-deoxy-beta-D-glucopyranose
5 non-polymer 1,2-ETHANEDIOL
6 non-polymer '(1~{S},2~{R},3~{S},4~{S},5~{S},6~{R})-2-(8-azidooctylamino)-3,4,5,6-tetrakis(oxidanyl)cyclohexane-1-carboxylic acid'
7 water water
#
loop_
_entity_poly.entity_id
_entity_poly.type
_entity_poly.pdbx_seq_one_letter_code
_entity_poly.pdbx_strand_id
1 'polypeptide(L)'
;DPGKKFKNSTYSRSSVDVLYTFANCSGLDLIFGLNALLRTADLQWNSSNAQLLLDYCSSKGYNISWELGNEPNSFLKKAD
IFINGSQLGEDFIQLHKLLRKSTFKNAKLYGPDVGQPRRKTAKMLKSFLKAGGEVIDSVTWHHYYLNGRTATREDFLNPD
VLDIFISSVQKVFQVVESTRPGKKVWLGETSSAYGGGAPLLSDTFAAGFMWLDKLGLSARMGIEVVMRQVFFGAGNYHLV
DENFDPLPDYWLSLLFKKLVGTKVLMASVQGSKRRKLRVYLHCTNTDNPRYKEGDLTLYAINLHNVTKYLRLPYPFSNKQ
VDKYLLRPLGPHGLLSKSVQLNGLTLKMVDDQTLPPLMEKPLRPGSSLGLPAFSYSFFVIRNAKVAACI
;
A
2 'polypeptide(L)' DPGQDVVDLDFFTQEPLHLVSPSFLSVTIDANLATDPRFLILLGSPKLRTLARGLSPAYLRFGGTKTDFLIFDPKKE B
#
# COMPACT_ATOMS: atom_id res chain seq x y z
N PHE A 6 8.17 6.13 24.16
CA PHE A 6 8.39 4.72 23.69
C PHE A 6 9.56 4.05 24.42
N LYS A 7 9.32 2.87 24.98
CA LYS A 7 10.34 2.13 25.73
C LYS A 7 10.70 0.84 25.02
N ASN A 8 11.89 0.34 25.27
CA ASN A 8 12.32 -0.95 24.75
C ASN A 8 11.39 -2.05 25.25
N SER A 9 11.25 -3.09 24.44
CA SER A 9 10.36 -4.21 24.72
C SER A 9 10.97 -5.43 24.06
N THR A 10 10.70 -6.60 24.63
CA THR A 10 11.24 -7.84 24.07
C THR A 10 10.16 -8.63 23.40
N TYR A 11 10.57 -9.48 22.47
CA TYR A 11 9.67 -10.38 21.79
C TYR A 11 10.33 -11.73 21.67
N SER A 12 9.48 -12.75 21.61
CA SER A 12 9.90 -14.12 21.75
C SER A 12 9.93 -14.85 20.42
N ARG A 13 10.61 -16.00 20.41
CA ARG A 13 10.57 -16.92 19.27
C ARG A 13 9.12 -17.27 18.90
N SER A 14 8.28 -17.43 19.91
CA SER A 14 6.85 -17.66 19.74
C SER A 14 6.18 -16.56 18.89
N SER A 15 6.43 -15.29 19.26
CA SER A 15 5.92 -14.13 18.49
C SER A 15 6.34 -14.13 17.01
N VAL A 16 7.60 -14.50 16.78
CA VAL A 16 8.13 -14.63 15.42
C VAL A 16 7.35 -15.70 14.65
N ASP A 17 7.12 -16.85 15.28
CA ASP A 17 6.40 -17.97 14.64
C ASP A 17 4.95 -17.61 14.29
N VAL A 18 4.29 -16.86 15.17
CA VAL A 18 2.91 -16.44 14.95
C VAL A 18 2.88 -15.57 13.68
N LEU A 19 3.76 -14.58 13.66
CA LEU A 19 3.92 -13.66 12.52
C LEU A 19 4.21 -14.38 11.19
N TYR A 20 5.24 -15.24 11.18
CA TYR A 20 5.61 -15.99 9.98
C TYR A 20 4.49 -16.92 9.50
N THR A 21 3.84 -17.60 10.44
CA THR A 21 2.76 -18.52 10.13
C THR A 21 1.57 -17.82 9.50
N PHE A 22 1.21 -16.70 10.09
CA PHE A 22 0.15 -15.83 9.54
C PHE A 22 0.47 -15.48 8.08
N ALA A 23 1.67 -14.96 7.84
CA ALA A 23 2.07 -14.58 6.48
C ALA A 23 2.09 -15.80 5.53
N ASN A 24 2.75 -16.87 5.95
CA ASN A 24 2.90 -18.06 5.11
C ASN A 24 1.55 -18.71 4.78
N CYS A 25 0.68 -18.88 5.78
CA CYS A 25 -0.66 -19.44 5.56
C CYS A 25 -1.61 -18.51 4.79
N SER A 26 -1.30 -17.22 4.73
CA SER A 26 -2.11 -16.25 3.97
C SER A 26 -1.61 -15.92 2.55
N GLY A 27 -0.53 -16.56 2.10
CA GLY A 27 0.13 -16.25 0.84
C GLY A 27 0.75 -14.85 0.76
N LEU A 28 1.21 -14.32 1.88
CA LEU A 28 1.91 -13.03 1.92
C LEU A 28 3.42 -13.22 2.12
N ASP A 29 4.18 -12.26 1.60
CA ASP A 29 5.64 -12.27 1.70
C ASP A 29 6.06 -11.35 2.82
N LEU A 30 6.63 -11.92 3.88
CA LEU A 30 6.94 -11.16 5.08
C LEU A 30 8.19 -10.29 4.94
N ILE A 31 8.07 -9.04 5.37
CA ILE A 31 9.23 -8.14 5.44
C ILE A 31 9.34 -7.78 6.89
N PHE A 32 10.49 -8.05 7.53
CA PHE A 32 10.65 -7.82 8.94
C PHE A 32 11.63 -6.67 9.20
N GLY A 33 11.17 -5.63 9.89
CA GLY A 33 11.99 -4.46 10.23
C GLY A 33 12.86 -4.70 11.49
N LEU A 34 14.16 -4.52 11.33
CA LEU A 34 15.11 -4.72 12.42
C LEU A 34 15.34 -3.42 13.18
N ASN A 35 15.70 -3.54 14.44
CA ASN A 35 15.97 -2.37 15.32
C ASN A 35 17.30 -1.72 14.97
N ALA A 36 17.22 -0.50 14.47
CA ALA A 36 18.41 0.25 14.08
C ALA A 36 18.97 1.15 15.18
N LEU A 37 18.30 1.23 16.33
CA LEU A 37 18.76 2.06 17.45
C LEU A 37 19.71 1.35 18.41
N LEU A 38 20.09 0.11 18.08
CA LEU A 38 21.12 -0.61 18.82
C LEU A 38 22.47 -0.13 18.28
N ARG A 39 23.10 0.78 19.02
CA ARG A 39 24.35 1.41 18.60
C ARG A 39 25.54 0.98 19.49
N THR A 40 26.75 1.07 18.93
CA THR A 40 27.97 0.83 19.68
C THR A 40 28.51 2.14 20.23
N ALA A 41 29.59 2.02 21.02
CA ALA A 41 30.40 3.12 21.53
C ALA A 41 30.45 4.33 20.60
N ASP A 42 30.96 4.13 19.38
CA ASP A 42 31.11 5.22 18.39
C ASP A 42 29.92 5.35 17.42
N LEU A 43 28.73 4.92 17.86
CA LEU A 43 27.49 5.09 17.12
C LEU A 43 27.43 4.35 15.76
N GLN A 44 28.11 3.20 15.68
CA GLN A 44 27.88 2.24 14.59
C GLN A 44 26.67 1.42 14.99
N TRP A 45 26.03 0.75 14.03
CA TRP A 45 24.95 -0.19 14.37
C TRP A 45 25.55 -1.45 15.04
N ASN A 46 25.07 -1.75 16.25
CA ASN A 46 25.35 -3.06 16.87
C ASN A 46 24.43 -4.12 16.28
N SER A 47 24.98 -4.97 15.43
CA SER A 47 24.22 -6.04 14.76
C SER A 47 24.01 -7.36 15.51
N SER A 48 24.42 -7.45 16.78
CA SER A 48 24.43 -8.76 17.45
C SER A 48 23.04 -9.32 17.73
N ASN A 49 22.08 -8.45 18.09
CA ASN A 49 20.70 -8.90 18.32
C ASN A 49 20.08 -9.43 17.02
N ALA A 50 20.30 -8.68 15.93
CA ALA A 50 19.93 -9.13 14.58
C ALA A 50 20.48 -10.50 14.26
N GLN A 51 21.75 -10.71 14.60
CA GLN A 51 22.36 -12.03 14.43
C GLN A 51 21.55 -13.13 15.10
N LEU A 52 21.18 -12.91 16.35
CA LEU A 52 20.36 -13.90 17.06
C LEU A 52 19.08 -14.20 16.27
N LEU A 53 18.37 -13.15 15.84
CA LEU A 53 17.15 -13.35 15.06
C LEU A 53 17.40 -14.07 13.74
N LEU A 54 18.40 -13.61 12.99
CA LEU A 54 18.77 -14.26 11.72
C LEU A 54 19.08 -15.74 11.91
N ASP A 55 19.79 -16.08 12.99
CA ASP A 55 20.11 -17.47 13.30
C ASP A 55 18.85 -18.28 13.51
N TYR A 56 17.94 -17.74 14.31
CA TYR A 56 16.71 -18.44 14.61
C TYR A 56 15.85 -18.68 13.36
N CYS A 57 15.71 -17.65 12.53
CA CYS A 57 14.93 -17.76 11.30
C CYS A 57 15.53 -18.76 10.31
N SER A 58 16.86 -18.73 10.17
CA SER A 58 17.63 -19.74 9.40
C SER A 58 17.31 -21.16 9.84
N SER A 59 17.38 -21.39 11.16
CA SER A 59 17.15 -22.72 11.73
C SER A 59 15.74 -23.22 11.45
N LYS A 60 14.76 -22.30 11.48
CA LYS A 60 13.39 -22.66 11.19
C LYS A 60 13.08 -22.71 9.70
N GLY A 61 14.02 -22.29 8.85
CA GLY A 61 13.85 -22.32 7.43
C GLY A 61 12.87 -21.27 6.91
N TYR A 62 12.79 -20.13 7.60
CA TYR A 62 11.85 -19.07 7.22
C TYR A 62 12.42 -18.22 6.05
N ASN A 63 11.61 -18.03 5.00
CA ASN A 63 11.95 -17.15 3.84
C ASN A 63 11.42 -15.73 4.16
N ILE A 64 12.33 -14.81 4.50
CA ILE A 64 11.94 -13.49 4.98
C ILE A 64 12.81 -12.41 4.35
N SER A 65 12.21 -11.24 4.12
CA SER A 65 12.96 -10.08 3.63
C SER A 65 13.10 -9.11 4.78
N TRP A 66 14.06 -8.22 4.68
CA TRP A 66 14.45 -7.38 5.79
C TRP A 66 14.41 -5.91 5.50
N GLU A 67 14.17 -5.13 6.55
CA GLU A 67 14.42 -3.71 6.62
C GLU A 67 15.19 -3.43 7.89
N LEU A 68 15.72 -2.22 7.99
CA LEU A 68 16.49 -1.82 9.16
C LEU A 68 16.14 -0.39 9.49
N GLY A 69 15.39 -0.21 10.57
CA GLY A 69 14.94 1.10 11.01
C GLY A 69 13.61 1.48 10.37
N ASN A 70 12.92 2.36 11.07
CA ASN A 70 11.68 2.97 10.61
C ASN A 70 11.81 4.48 10.83
N GLU A 71 11.63 5.27 9.77
CA GLU A 71 11.63 6.72 9.89
C GLU A 71 12.85 7.22 10.69
N PRO A 72 14.05 6.98 10.13
CA PRO A 72 15.27 7.39 10.83
C PRO A 72 15.43 8.90 10.91
N ASN A 73 14.78 9.62 9.98
CA ASN A 73 14.69 11.06 10.03
C ASN A 73 14.21 11.62 11.36
N SER A 74 13.43 10.86 12.11
CA SER A 74 12.90 11.33 13.39
C SER A 74 13.47 10.58 14.62
N PHE A 75 14.64 9.95 14.48
CA PHE A 75 15.29 9.30 15.63
C PHE A 75 15.65 10.30 16.76
N LEU A 76 16.04 11.51 16.40
CA LEU A 76 16.33 12.52 17.42
C LEU A 76 15.07 12.77 18.28
N LYS A 77 13.93 13.01 17.62
CA LYS A 77 12.67 13.19 18.32
C LYS A 77 12.28 11.98 19.17
N LYS A 78 12.44 10.79 18.62
CA LYS A 78 11.93 9.57 19.22
C LYS A 78 12.83 9.00 20.32
N ALA A 79 14.15 9.06 20.13
CA ALA A 79 15.10 8.44 21.05
C ALA A 79 16.26 9.34 21.48
N ASP A 80 16.20 10.62 21.14
CA ASP A 80 17.30 11.58 21.36
C ASP A 80 18.69 11.09 20.85
N ILE A 81 18.68 10.37 19.73
CA ILE A 81 19.89 9.92 19.04
C ILE A 81 19.76 10.45 17.62
N PHE A 82 20.83 11.06 17.09
CA PHE A 82 20.87 11.42 15.68
C PHE A 82 21.80 10.48 14.90
N ILE A 83 21.24 9.81 13.88
CA ILE A 83 22.00 9.01 12.92
C ILE A 83 21.91 9.67 11.55
N ASN A 84 23.03 10.10 10.95
CA ASN A 84 22.96 10.71 9.62
C ASN A 84 22.83 9.64 8.54
N GLY A 85 22.50 10.07 7.32
CA GLY A 85 22.26 9.14 6.22
C GLY A 85 23.47 8.31 5.81
N SER A 86 24.65 8.91 5.91
CA SER A 86 25.91 8.19 5.57
C SER A 86 26.12 6.99 6.49
N GLN A 87 25.98 7.22 7.79
CA GLN A 87 26.15 6.18 8.78
C GLN A 87 25.11 5.10 8.56
N LEU A 88 23.86 5.53 8.38
CA LEU A 88 22.77 4.59 8.13
C LEU A 88 23.08 3.72 6.95
N GLY A 89 23.64 4.29 5.89
CA GLY A 89 24.03 3.51 4.72
C GLY A 89 25.09 2.45 5.04
N GLU A 90 26.04 2.81 5.87
CA GLU A 90 27.06 1.86 6.35
C GLU A 90 26.44 0.74 7.18
N ASP A 91 25.48 1.08 8.04
CA ASP A 91 24.70 0.10 8.82
C ASP A 91 23.99 -0.93 7.91
N PHE A 92 23.34 -0.45 6.85
CA PHE A 92 22.78 -1.36 5.82
C PHE A 92 23.83 -2.24 5.12
N ILE A 93 24.98 -1.66 4.81
CA ILE A 93 26.10 -2.43 4.28
C ILE A 93 26.43 -3.59 5.25
N GLN A 94 26.46 -3.32 6.55
CA GLN A 94 26.77 -4.39 7.52
C GLN A 94 25.68 -5.45 7.60
N LEU A 95 24.40 -5.04 7.58
CA LEU A 95 23.29 -6.00 7.51
C LEU A 95 23.38 -6.85 6.26
N HIS A 96 23.70 -6.22 5.14
CA HIS A 96 23.81 -6.93 3.87
C HIS A 96 24.89 -8.03 3.96
N LYS A 97 26.02 -7.70 4.60
CA LYS A 97 27.09 -8.71 4.83
C LYS A 97 26.59 -9.87 5.69
N LEU A 98 25.84 -9.56 6.74
CA LEU A 98 25.22 -10.62 7.57
C LEU A 98 24.25 -11.50 6.80
N LEU A 99 23.43 -10.90 5.95
CA LEU A 99 22.48 -11.68 5.17
C LEU A 99 23.19 -12.59 4.19
N ARG A 100 24.23 -12.06 3.56
CA ARG A 100 25.05 -12.84 2.62
C ARG A 100 25.77 -14.05 3.26
N LYS A 101 26.04 -13.99 4.57
CA LYS A 101 26.65 -15.10 5.33
C LYS A 101 25.63 -16.02 5.99
N SER A 102 24.34 -15.76 5.77
CA SER A 102 23.25 -16.57 6.32
C SER A 102 22.82 -17.60 5.28
N THR A 103 21.93 -18.51 5.70
CA THR A 103 21.47 -19.62 4.85
C THR A 103 20.56 -19.18 3.70
N PHE A 104 19.90 -18.03 3.87
CA PHE A 104 19.22 -17.33 2.78
C PHE A 104 20.10 -16.12 2.41
N LYS A 105 21.15 -16.41 1.65
CA LYS A 105 22.11 -15.39 1.23
C LYS A 105 21.55 -14.47 0.14
N ASN A 106 20.44 -14.87 -0.46
CA ASN A 106 19.79 -14.05 -1.48
C ASN A 106 18.57 -13.28 -0.96
N ALA A 107 18.34 -13.29 0.35
CA ALA A 107 17.26 -12.50 0.97
C ALA A 107 17.31 -11.02 0.53
N LYS A 108 16.13 -10.41 0.36
CA LYS A 108 16.06 -9.02 -0.08
C LYS A 108 16.16 -8.10 1.12
N LEU A 109 16.70 -6.92 0.88
CA LEU A 109 16.90 -5.88 1.85
C LEU A 109 16.29 -4.59 1.31
N TYR A 110 15.41 -3.94 2.09
CA TYR A 110 14.76 -2.67 1.67
C TYR A 110 15.00 -1.56 2.68
N GLY A 111 15.08 -0.34 2.21
CA GLY A 111 15.23 0.79 3.14
C GLY A 111 15.31 2.09 2.39
N PRO A 112 15.48 3.23 3.09
CA PRO A 112 15.61 3.37 4.54
C PRO A 112 14.31 3.69 5.32
N ASP A 113 13.16 3.58 4.66
CA ASP A 113 11.87 3.87 5.30
C ASP A 113 11.86 5.26 5.90
N VAL A 114 12.31 6.22 5.12
CA VAL A 114 12.22 7.61 5.51
C VAL A 114 10.79 8.16 5.34
N GLY A 115 10.54 9.27 6.02
CA GLY A 115 9.25 9.98 5.87
C GLY A 115 9.27 10.75 4.57
N GLN A 116 8.22 11.49 4.31
CA GLN A 116 8.12 12.24 3.07
C GLN A 116 9.18 13.32 2.94
N PRO A 117 9.49 13.72 1.69
CA PRO A 117 10.75 14.41 1.46
C PRO A 117 10.81 15.90 1.79
N ARG A 118 10.60 16.27 3.05
CA ARG A 118 11.04 17.58 3.56
C ARG A 118 12.56 17.72 3.36
N ARG A 119 13.05 18.94 3.40
CA ARG A 119 14.45 19.26 3.10
C ARG A 119 15.45 18.37 3.83
N LYS A 120 15.26 18.28 5.14
CA LYS A 120 16.13 17.45 5.98
C LYS A 120 16.01 15.95 5.68
N THR A 121 14.81 15.49 5.36
CA THR A 121 14.61 14.08 5.01
C THR A 121 15.21 13.75 3.65
N ALA A 122 15.06 14.66 2.68
CA ALA A 122 15.64 14.47 1.36
C ALA A 122 17.17 14.34 1.43
N LYS A 123 17.77 15.18 2.26
CA LYS A 123 19.20 15.18 2.49
C LYS A 123 19.66 13.84 3.08
N MET A 124 18.92 13.34 4.04
CA MET A 124 19.21 12.07 4.68
C MET A 124 19.07 10.97 3.66
N LEU A 125 18.00 11.02 2.88
CA LEU A 125 17.81 9.99 1.86
C LEU A 125 18.92 9.99 0.80
N LYS A 126 19.32 11.17 0.36
CA LYS A 126 20.36 11.29 -0.67
C LYS A 126 21.69 10.76 -0.13
N SER A 127 22.04 11.12 1.10
CA SER A 127 23.32 10.65 1.67
C SER A 127 23.27 9.14 1.94
N PHE A 128 22.09 8.63 2.28
CA PHE A 128 21.89 7.21 2.49
C PHE A 128 22.07 6.47 1.18
N LEU A 129 21.49 6.99 0.09
CA LEU A 129 21.62 6.29 -1.20
C LEU A 129 23.06 6.34 -1.76
N LYS A 130 23.78 7.45 -1.55
CA LYS A 130 25.23 7.55 -1.85
C LYS A 130 26.02 6.45 -1.15
N ALA A 131 25.86 6.39 0.17
CA ALA A 131 26.53 5.39 1.02
C ALA A 131 26.06 3.96 0.79
N GLY A 132 24.79 3.71 1.09
CA GLY A 132 24.25 2.35 1.19
C GLY A 132 23.42 1.86 0.03
N GLY A 133 23.25 2.67 -1.02
CA GLY A 133 22.27 2.38 -2.05
C GLY A 133 22.53 1.20 -2.92
N GLU A 134 23.79 0.74 -2.93
CA GLU A 134 24.13 -0.45 -3.69
C GLU A 134 23.51 -1.75 -3.15
N VAL A 135 23.30 -1.85 -1.84
CA VAL A 135 22.86 -3.11 -1.22
C VAL A 135 21.36 -3.23 -0.97
N ILE A 136 20.60 -2.17 -1.23
CA ILE A 136 19.14 -2.24 -1.11
C ILE A 136 18.50 -2.66 -2.41
N ASP A 137 17.45 -3.45 -2.30
CA ASP A 137 16.76 -3.95 -3.46
C ASP A 137 15.64 -3.00 -3.91
N SER A 138 15.16 -2.15 -2.99
CA SER A 138 14.20 -1.08 -3.32
C SER A 138 14.32 0.04 -2.28
N VAL A 139 14.09 1.25 -2.72
CA VAL A 139 14.11 2.41 -1.85
C VAL A 139 12.72 2.52 -1.28
N THR A 140 12.58 2.50 0.03
CA THR A 140 11.28 2.70 0.71
C THR A 140 11.15 4.10 1.35
N TRP A 141 9.98 4.72 1.18
CA TRP A 141 9.68 5.97 1.85
C TRP A 141 8.20 5.95 2.21
N HIS A 142 7.82 6.86 3.07
CA HIS A 142 6.47 6.89 3.64
C HIS A 142 5.74 8.17 3.30
N HIS A 143 4.41 8.07 3.24
CA HIS A 143 3.62 9.23 2.94
C HIS A 143 2.24 9.19 3.67
N TYR A 144 1.85 10.32 4.21
CA TYR A 144 0.49 10.51 4.80
C TYR A 144 -0.05 11.84 4.31
N TYR A 145 -1.35 11.93 4.06
CA TYR A 145 -1.93 13.22 3.61
C TYR A 145 -2.16 14.21 4.77
N LEU A 146 -2.66 13.69 5.90
CA LEU A 146 -3.21 14.54 6.96
C LEU A 146 -2.81 14.08 8.35
N ASN A 147 -3.04 14.95 9.33
CA ASN A 147 -2.87 14.63 10.73
C ASN A 147 -4.22 14.07 11.21
N GLY A 148 -4.23 12.85 11.72
CA GLY A 148 -5.52 12.22 12.15
C GLY A 148 -6.26 13.03 13.22
N ARG A 149 -5.51 13.75 14.06
CA ARG A 149 -6.11 14.62 15.09
C ARG A 149 -6.94 15.74 14.54
N THR A 150 -6.51 16.33 13.41
CA THR A 150 -7.15 17.53 12.85
C THR A 150 -7.84 17.32 11.51
N ALA A 151 -7.74 16.12 10.93
CA ALA A 151 -8.31 15.90 9.61
C ALA A 151 -9.81 16.06 9.68
N THR A 152 -10.37 16.65 8.65
CA THR A 152 -11.80 16.80 8.53
C THR A 152 -12.29 15.96 7.39
N ARG A 153 -13.61 15.82 7.35
CA ARG A 153 -14.29 15.22 6.23
C ARG A 153 -14.07 15.95 4.91
N GLU A 154 -14.06 17.28 4.95
CA GLU A 154 -13.81 18.04 3.72
C GLU A 154 -12.42 17.76 3.17
N ASP A 155 -11.47 17.58 4.07
CA ASP A 155 -10.06 17.26 3.68
C ASP A 155 -9.99 15.96 2.86
N PHE A 156 -10.77 14.96 3.32
CA PHE A 156 -10.83 13.67 2.62
C PHE A 156 -11.41 13.77 1.22
N LEU A 157 -12.20 14.80 0.94
CA LEU A 157 -12.84 15.00 -0.35
C LEU A 157 -12.21 16.06 -1.23
N ASN A 158 -11.07 16.61 -0.79
CA ASN A 158 -10.52 17.82 -1.39
C ASN A 158 -9.43 17.45 -2.42
N PRO A 159 -9.69 17.73 -3.71
CA PRO A 159 -8.67 17.46 -4.74
C PRO A 159 -7.34 18.14 -4.51
N ASP A 160 -7.32 19.29 -3.83
CA ASP A 160 -6.07 19.97 -3.52
C ASP A 160 -5.24 19.19 -2.49
N VAL A 161 -5.90 18.48 -1.60
CA VAL A 161 -5.23 17.58 -0.66
C VAL A 161 -4.73 16.37 -1.44
N LEU A 162 -5.59 15.74 -2.25
CA LEU A 162 -5.11 14.65 -3.07
C LEU A 162 -3.87 14.99 -3.90
N ASP A 163 -3.87 16.21 -4.48
CA ASP A 163 -2.79 16.64 -5.38
C ASP A 163 -1.43 16.75 -4.72
N ILE A 164 -1.39 17.00 -3.41
CA ILE A 164 -0.09 17.12 -2.72
C ILE A 164 0.83 15.94 -2.87
N PHE A 165 0.26 14.73 -3.01
CA PHE A 165 1.04 13.53 -3.16
C PHE A 165 1.95 13.60 -4.36
N ILE A 166 1.47 14.22 -5.43
CA ILE A 166 2.25 14.33 -6.71
C ILE A 166 3.62 14.97 -6.49
N SER A 167 3.67 16.06 -5.74
CA SER A 167 4.94 16.73 -5.45
C SER A 167 5.89 15.90 -4.58
N SER A 168 5.37 15.22 -3.57
CA SER A 168 6.19 14.31 -2.81
C SER A 168 6.83 13.24 -3.70
N VAL A 169 6.04 12.62 -4.59
CA VAL A 169 6.56 11.57 -5.48
C VAL A 169 7.69 12.13 -6.36
N GLN A 170 7.46 13.31 -6.96
CA GLN A 170 8.45 13.94 -7.82
C GLN A 170 9.74 14.24 -7.09
N LYS A 171 9.65 14.76 -5.87
CA LYS A 171 10.84 15.00 -5.04
C LYS A 171 11.64 13.74 -4.69
N VAL A 172 10.96 12.64 -4.34
CA VAL A 172 11.63 11.39 -4.08
C VAL A 172 12.37 10.90 -5.32
N PHE A 173 11.69 10.94 -6.47
CA PHE A 173 12.34 10.50 -7.69
C PHE A 173 13.52 11.38 -8.07
N GLN A 174 13.46 12.69 -7.76
CA GLN A 174 14.63 13.57 -8.00
C GLN A 174 15.86 13.10 -7.19
N VAL A 175 15.65 12.80 -5.92
CA VAL A 175 16.73 12.27 -5.07
C VAL A 175 17.25 10.96 -5.65
N VAL A 176 16.34 10.06 -6.02
CA VAL A 176 16.76 8.74 -6.46
C VAL A 176 17.51 8.84 -7.77
N GLU A 177 16.99 9.58 -8.75
CA GLU A 177 17.64 9.69 -10.08
C GLU A 177 19.04 10.32 -9.97
N SER A 178 19.28 11.14 -8.96
CA SER A 178 20.57 11.76 -8.72
C SER A 178 21.62 10.84 -8.07
N THR A 179 21.21 9.66 -7.58
CA THR A 179 22.10 8.80 -6.78
C THR A 179 22.11 7.37 -7.29
N ARG A 180 20.94 6.74 -7.36
CA ARG A 180 20.80 5.37 -7.84
C ARG A 180 19.73 5.30 -8.91
N PRO A 181 19.98 5.88 -10.09
CA PRO A 181 18.96 5.85 -11.13
C PRO A 181 18.54 4.43 -11.54
N GLY A 182 17.24 4.25 -11.76
CA GLY A 182 16.66 2.96 -12.04
C GLY A 182 16.38 2.05 -10.86
N LYS A 183 16.79 2.44 -9.66
CA LYS A 183 16.48 1.66 -8.46
C LYS A 183 14.95 1.73 -8.26
N LYS A 184 14.30 0.61 -7.88
CA LYS A 184 12.86 0.63 -7.66
C LYS A 184 12.53 1.43 -6.41
N VAL A 185 11.34 2.02 -6.43
CA VAL A 185 10.88 2.91 -5.37
C VAL A 185 9.53 2.40 -4.87
N TRP A 186 9.46 2.12 -3.57
CA TRP A 186 8.29 1.57 -2.91
C TRP A 186 7.80 2.58 -1.88
N LEU A 187 6.47 2.71 -1.73
CA LEU A 187 5.91 3.33 -0.55
C LEU A 187 5.80 2.28 0.52
N GLY A 188 6.60 2.43 1.57
CA GLY A 188 6.79 1.39 2.57
C GLY A 188 5.82 1.51 3.73
N GLU A 189 5.14 2.64 3.83
CA GLU A 189 4.10 2.83 4.85
C GLU A 189 3.29 4.01 4.41
N THR A 190 1.99 3.82 4.26
CA THR A 190 1.17 4.92 3.79
C THR A 190 -0.26 4.78 4.24
N SER A 191 -0.86 5.91 4.53
CA SER A 191 -2.31 5.99 4.82
C SER A 191 -2.87 7.39 4.68
N SER A 192 -4.20 7.50 4.78
CA SER A 192 -4.92 8.78 4.80
C SER A 192 -4.28 9.78 5.78
N ALA A 193 -4.10 9.33 7.01
CA ALA A 193 -3.76 10.25 8.10
C ALA A 193 -2.87 9.58 9.08
N TYR A 194 -1.93 10.35 9.64
CA TYR A 194 -1.00 9.80 10.62
C TYR A 194 -1.61 9.94 12.04
N GLY A 195 -0.87 9.48 13.04
CA GLY A 195 -1.34 9.44 14.42
C GLY A 195 -2.42 8.41 14.61
N GLY A 196 -2.37 7.35 13.81
CA GLY A 196 -3.36 6.29 13.91
C GLY A 196 -4.63 6.47 13.14
N GLY A 197 -4.72 7.50 12.29
CA GLY A 197 -5.90 7.75 11.47
C GLY A 197 -6.87 8.72 12.08
N ALA A 198 -7.82 9.15 11.26
CA ALA A 198 -8.80 10.16 11.62
C ALA A 198 -10.04 9.42 12.12
N PRO A 199 -10.40 9.61 13.39
CA PRO A 199 -11.58 8.88 13.90
C PRO A 199 -12.82 9.15 13.06
N LEU A 200 -13.60 8.11 12.83
CA LEU A 200 -14.79 8.12 11.97
C LEU A 200 -14.61 8.55 10.51
N LEU A 201 -13.36 8.66 10.01
CA LEU A 201 -13.13 8.97 8.61
C LEU A 201 -12.21 7.95 7.96
N SER A 202 -11.10 7.61 8.60
CA SER A 202 -10.11 6.67 8.03
C SER A 202 -10.65 5.23 7.86
N ASP A 203 -11.75 4.87 8.55
CA ASP A 203 -12.32 3.53 8.49
C ASP A 203 -13.67 3.49 7.78
N THR A 204 -13.93 4.48 6.92
CA THR A 204 -15.23 4.66 6.26
C THR A 204 -15.10 4.63 4.76
N PHE A 205 -16.24 4.70 4.07
CA PHE A 205 -16.27 4.82 2.61
C PHE A 205 -15.47 6.06 2.11
N ALA A 206 -15.48 7.15 2.90
CA ALA A 206 -14.81 8.37 2.51
C ALA A 206 -13.31 8.20 2.42
N ALA A 207 -12.74 7.30 3.19
CA ALA A 207 -11.29 6.94 3.06
C ALA A 207 -10.88 6.43 1.68
N GLY A 208 -11.82 5.87 0.92
CA GLY A 208 -11.55 5.32 -0.38
C GLY A 208 -11.12 6.31 -1.45
N PHE A 209 -11.55 7.57 -1.35
CA PHE A 209 -11.17 8.59 -2.36
C PHE A 209 -9.64 8.74 -2.32
N MET A 210 -9.07 8.87 -1.12
CA MET A 210 -7.61 8.98 -0.97
C MET A 210 -6.84 7.75 -1.37
N TRP A 211 -7.31 6.59 -0.89
CA TRP A 211 -6.63 5.33 -1.13
C TRP A 211 -6.62 4.98 -2.61
N LEU A 212 -7.78 5.14 -3.28
CA LEU A 212 -7.83 4.77 -4.70
C LEU A 212 -7.00 5.77 -5.54
N ASP A 213 -7.03 7.04 -5.16
CA ASP A 213 -6.19 8.01 -5.86
C ASP A 213 -4.70 7.78 -5.67
N LYS A 214 -4.32 7.46 -4.45
CA LYS A 214 -2.91 7.12 -4.13
C LYS A 214 -2.41 5.94 -4.95
N LEU A 215 -3.23 4.91 -5.01
CA LEU A 215 -2.97 3.77 -5.90
C LEU A 215 -2.79 4.17 -7.37
N GLY A 216 -3.76 4.87 -7.91
CA GLY A 216 -3.69 5.42 -9.27
C GLY A 216 -2.46 6.21 -9.55
N LEU A 217 -2.16 7.17 -8.66
CA LEU A 217 -1.00 8.02 -8.88
C LEU A 217 0.35 7.30 -8.71
N SER A 218 0.42 6.45 -7.71
CA SER A 218 1.60 5.69 -7.47
C SER A 218 1.93 4.85 -8.73
N ALA A 219 0.94 4.14 -9.23
CA ALA A 219 1.13 3.29 -10.41
C ALA A 219 1.53 4.14 -11.62
N ARG A 220 0.81 5.25 -11.83
CA ARG A 220 1.06 6.15 -12.96
C ARG A 220 2.45 6.82 -12.90
N MET A 221 2.91 7.18 -11.71
CA MET A 221 4.18 7.88 -11.55
C MET A 221 5.41 6.98 -11.39
N GLY A 222 5.27 5.67 -11.32
CA GLY A 222 6.45 4.82 -11.27
C GLY A 222 6.76 4.18 -9.95
N ILE A 223 5.85 4.31 -8.99
CA ILE A 223 6.03 3.59 -7.74
C ILE A 223 5.64 2.12 -7.97
N GLU A 224 6.48 1.20 -7.53
CA GLU A 224 6.31 -0.21 -7.88
C GLU A 224 5.42 -1.02 -6.90
N VAL A 225 5.44 -0.65 -5.61
CA VAL A 225 4.70 -1.32 -4.55
C VAL A 225 4.26 -0.25 -3.54
N VAL A 226 3.04 -0.38 -3.04
CA VAL A 226 2.49 0.55 -2.05
C VAL A 226 2.07 -0.30 -0.83
N MET A 227 2.54 0.07 0.36
CA MET A 227 2.23 -0.72 1.56
C MET A 227 1.28 0.04 2.47
N ARG A 228 0.07 -0.47 2.55
CA ARG A 228 -1.01 0.18 3.31
C ARG A 228 -0.89 -0.06 4.82
N GLN A 229 -0.71 1.04 5.54
CA GLN A 229 -0.80 1.10 7.00
C GLN A 229 -2.30 1.18 7.37
N VAL A 230 -2.96 0.18 7.97
CA VAL A 230 -2.47 -1.17 8.26
C VAL A 230 -3.55 -2.13 7.83
N PHE A 231 -3.18 -3.38 7.71
CA PHE A 231 -4.16 -4.42 7.37
C PHE A 231 -5.13 -4.64 8.55
N PHE A 232 -4.54 -4.76 9.72
CA PHE A 232 -5.25 -5.01 10.97
C PHE A 232 -4.45 -4.38 12.09
N GLY A 233 -5.11 -3.72 13.03
CA GLY A 233 -4.41 -3.02 14.11
C GLY A 233 -5.22 -2.02 14.88
N ALA A 234 -4.57 -1.34 15.80
CA ALA A 234 -5.25 -0.35 16.64
C ALA A 234 -5.72 0.88 15.85
N GLY A 235 -4.94 1.32 14.88
CA GLY A 235 -5.28 2.53 14.13
C GLY A 235 -6.55 2.35 13.32
N ASN A 236 -7.30 3.45 13.27
N ASN A 236 -7.38 3.36 13.23
CA ASN A 236 -8.54 3.64 12.51
CA ASN A 236 -8.62 3.21 12.47
C ASN A 236 -8.40 3.41 10.99
C ASN A 236 -8.43 3.43 10.95
N TYR A 237 -7.18 3.47 10.49
CA TYR A 237 -6.88 3.27 9.07
C TYR A 237 -6.74 1.82 8.69
N HIS A 238 -7.01 0.92 9.64
CA HIS A 238 -7.06 -0.48 9.34
C HIS A 238 -7.99 -0.87 8.20
N LEU A 239 -7.59 -1.88 7.41
CA LEU A 239 -8.51 -2.49 6.44
C LEU A 239 -9.57 -3.37 7.10
N VAL A 240 -9.21 -3.97 8.23
CA VAL A 240 -10.06 -4.91 8.96
C VAL A 240 -10.14 -4.48 10.41
N ASP A 241 -11.36 -4.30 10.92
CA ASP A 241 -11.55 -3.80 12.26
C ASP A 241 -11.30 -4.87 13.33
N GLU A 242 -11.43 -4.45 14.60
CA GLU A 242 -11.14 -5.29 15.76
C GLU A 242 -11.98 -6.55 15.85
N ASN A 243 -13.12 -6.57 15.17
CA ASN A 243 -13.96 -7.76 15.10
C ASN A 243 -13.62 -8.68 13.93
N PHE A 244 -12.48 -8.44 13.26
CA PHE A 244 -12.10 -9.14 12.06
C PHE A 244 -13.11 -8.92 10.91
N ASP A 245 -13.82 -7.79 10.92
CA ASP A 245 -14.77 -7.46 9.87
C ASP A 245 -14.10 -6.49 8.88
N PRO A 246 -14.23 -6.77 7.58
CA PRO A 246 -13.71 -5.84 6.55
C PRO A 246 -14.41 -4.49 6.42
N LEU A 247 -13.61 -3.43 6.32
CA LEU A 247 -14.13 -2.07 6.13
C LEU A 247 -14.13 -1.72 4.65
N PRO A 248 -14.77 -0.59 4.27
CA PRO A 248 -14.83 -0.29 2.83
C PRO A 248 -13.50 -0.33 2.07
N ASP A 249 -12.42 0.17 2.67
CA ASP A 249 -11.09 0.04 1.97
C ASP A 249 -10.63 -1.37 1.73
N TYR A 250 -11.01 -2.34 2.58
CA TYR A 250 -10.67 -3.71 2.29
C TYR A 250 -11.34 -4.13 0.98
N TRP A 251 -12.62 -3.84 0.88
CA TRP A 251 -13.40 -4.25 -0.31
C TRP A 251 -12.86 -3.56 -1.58
N LEU A 252 -12.55 -2.29 -1.43
CA LEU A 252 -11.91 -1.53 -2.54
C LEU A 252 -10.58 -2.18 -2.92
N SER A 253 -9.78 -2.52 -1.93
CA SER A 253 -8.48 -3.18 -2.16
C SER A 253 -8.65 -4.54 -2.86
N LEU A 254 -9.62 -5.33 -2.44
CA LEU A 254 -9.92 -6.60 -3.09
C LEU A 254 -10.35 -6.42 -4.54
N LEU A 255 -11.32 -5.56 -4.76
CA LEU A 255 -11.77 -5.25 -6.13
C LEU A 255 -10.59 -4.77 -7.01
N PHE A 256 -9.77 -3.87 -6.48
CA PHE A 256 -8.59 -3.37 -7.19
C PHE A 256 -7.71 -4.54 -7.63
N LYS A 257 -7.38 -5.42 -6.69
CA LYS A 257 -6.60 -6.58 -6.98
C LYS A 257 -7.22 -7.50 -8.03
N LYS A 258 -8.54 -7.61 -8.09
CA LYS A 258 -9.14 -8.56 -9.04
C LYS A 258 -9.20 -7.99 -10.45
N LEU A 259 -9.18 -6.69 -10.57
CA LEU A 259 -9.46 -6.02 -11.84
C LEU A 259 -8.26 -5.38 -12.52
N VAL A 260 -7.31 -4.88 -11.73
CA VAL A 260 -6.28 -4.00 -12.24
C VAL A 260 -5.01 -4.81 -12.46
N GLY A 261 -4.51 -4.72 -13.69
CA GLY A 261 -3.29 -5.42 -14.10
C GLY A 261 -2.01 -4.68 -13.78
N THR A 262 -0.89 -5.32 -14.07
CA THR A 262 0.42 -4.76 -13.76
C THR A 262 0.90 -3.72 -14.78
N LYS A 263 0.38 -3.75 -16.00
CA LYS A 263 0.78 -2.74 -17.02
C LYS A 263 -0.02 -1.48 -16.92
N VAL A 264 0.67 -0.36 -16.68
CA VAL A 264 0.05 0.88 -16.37
C VAL A 264 -0.01 1.69 -17.67
N LEU A 265 -1.17 2.22 -17.97
CA LEU A 265 -1.45 3.09 -19.11
C LEU A 265 -1.85 4.49 -18.59
N MET A 266 -2.56 5.29 -19.39
CA MET A 266 -2.93 6.63 -18.97
C MET A 266 -4.29 6.99 -19.52
N ALA A 267 -5.04 7.70 -18.69
CA ALA A 267 -6.31 8.29 -19.06
C ALA A 267 -6.33 9.71 -18.61
N SER A 268 -7.07 10.53 -19.33
CA SER A 268 -7.22 11.94 -18.91
C SER A 268 -8.51 12.50 -19.42
N VAL A 269 -9.02 13.52 -18.75
CA VAL A 269 -10.32 14.08 -19.15
C VAL A 269 -10.10 15.33 -19.97
N GLN A 270 -10.76 15.42 -21.11
CA GLN A 270 -10.64 16.62 -21.98
C GLN A 270 -11.21 17.84 -21.31
N GLY A 271 -10.46 18.93 -21.34
CA GLY A 271 -10.88 20.21 -20.75
C GLY A 271 -9.94 20.62 -19.64
N SER A 272 -10.06 21.90 -19.26
CA SER A 272 -9.22 22.54 -18.22
C SER A 272 -9.53 22.14 -16.77
N LYS A 273 -10.41 21.15 -16.56
CA LYS A 273 -10.84 20.76 -15.23
C LYS A 273 -10.55 19.27 -15.03
N ARG A 274 -9.35 19.03 -14.54
CA ARG A 274 -8.86 17.69 -14.22
C ARG A 274 -8.81 17.45 -12.71
N ARG A 275 -9.49 18.28 -11.92
CA ARG A 275 -9.30 18.23 -10.48
C ARG A 275 -10.23 17.20 -9.83
N LYS A 276 -11.54 17.28 -10.11
CA LYS A 276 -12.54 16.55 -9.34
C LYS A 276 -12.93 15.20 -9.97
N LEU A 277 -12.67 15.04 -11.23
CA LEU A 277 -12.89 13.74 -11.90
C LEU A 277 -11.51 13.16 -12.20
N ARG A 278 -11.15 12.09 -11.49
CA ARG A 278 -9.82 11.52 -11.53
C ARG A 278 -9.87 10.13 -12.16
N VAL A 279 -9.03 9.91 -13.16
CA VAL A 279 -9.15 8.69 -13.99
C VAL A 279 -7.80 8.03 -14.19
N TYR A 280 -7.78 6.69 -14.17
CA TYR A 280 -6.60 5.86 -14.26
C TYR A 280 -6.92 4.71 -15.17
N LEU A 281 -5.91 4.21 -15.84
CA LEU A 281 -6.09 3.15 -16.85
C LEU A 281 -4.93 2.21 -16.80
N HIS A 282 -5.24 0.90 -16.68
CA HIS A 282 -4.27 -0.16 -16.71
C HIS A 282 -4.85 -1.23 -17.68
N CYS A 283 -3.98 -2.14 -18.07
CA CYS A 283 -4.41 -3.41 -18.65
C CYS A 283 -5.17 -4.16 -17.56
N THR A 284 -6.15 -4.96 -17.96
CA THR A 284 -6.93 -5.77 -17.04
C THR A 284 -6.07 -6.90 -16.47
N ASN A 285 -6.32 -7.24 -15.20
CA ASN A 285 -5.58 -8.30 -14.55
C ASN A 285 -5.87 -9.62 -15.34
N THR A 286 -4.83 -10.18 -15.96
CA THR A 286 -4.98 -11.34 -16.85
C THR A 286 -5.44 -12.61 -16.09
N ASP A 287 -5.08 -12.70 -14.81
CA ASP A 287 -5.51 -13.82 -13.96
C ASP A 287 -6.99 -13.81 -13.67
N ASN A 288 -7.71 -12.74 -14.01
CA ASN A 288 -9.15 -12.72 -13.88
C ASN A 288 -9.82 -13.59 -14.96
N PRO A 289 -10.56 -14.62 -14.54
CA PRO A 289 -11.09 -15.61 -15.48
C PRO A 289 -12.11 -15.07 -16.47
N ARG A 290 -12.83 -14.01 -16.13
CA ARG A 290 -13.85 -13.44 -17.02
C ARG A 290 -13.30 -12.68 -18.23
N TYR A 291 -12.04 -12.24 -18.15
CA TYR A 291 -11.51 -11.25 -19.13
C TYR A 291 -10.40 -11.89 -19.92
N LYS A 292 -9.99 -11.23 -20.99
CA LYS A 292 -9.01 -11.80 -21.90
C LYS A 292 -7.88 -10.84 -22.18
N GLU A 293 -6.77 -11.36 -22.68
CA GLU A 293 -5.63 -10.55 -23.12
C GLU A 293 -6.15 -9.42 -24.00
N GLY A 294 -5.69 -8.20 -23.72
CA GLY A 294 -6.08 -7.05 -24.47
C GLY A 294 -7.13 -6.17 -23.82
N ASP A 295 -7.83 -6.67 -22.80
CA ASP A 295 -8.90 -5.86 -22.13
C ASP A 295 -8.26 -4.74 -21.24
N LEU A 296 -9.01 -3.67 -21.02
CA LEU A 296 -8.53 -2.51 -20.23
C LEU A 296 -9.38 -2.35 -18.99
N THR A 297 -8.76 -1.87 -17.92
CA THR A 297 -9.48 -1.55 -16.72
C THR A 297 -9.26 -0.10 -16.45
N LEU A 298 -10.34 0.67 -16.53
CA LEU A 298 -10.38 2.08 -16.18
C LEU A 298 -10.87 2.16 -14.76
N TYR A 299 -10.33 3.09 -13.95
CA TYR A 299 -10.95 3.38 -12.69
C TYR A 299 -11.06 4.87 -12.53
N ALA A 300 -12.12 5.28 -11.87
CA ALA A 300 -12.48 6.71 -11.81
C ALA A 300 -13.07 7.10 -10.48
N ILE A 301 -12.71 8.30 -10.06
CA ILE A 301 -13.18 8.87 -8.83
C ILE A 301 -13.93 10.16 -9.19
N ASN A 302 -15.13 10.30 -8.67
CA ASN A 302 -15.93 11.48 -8.90
C ASN A 302 -16.10 12.26 -7.61
N LEU A 303 -15.39 13.38 -7.52
CA LEU A 303 -15.48 14.23 -6.35
C LEU A 303 -16.38 15.47 -6.58
N HIS A 304 -17.11 15.49 -7.67
CA HIS A 304 -18.15 16.48 -7.89
C HIS A 304 -19.38 16.07 -7.12
N ASN A 305 -20.27 17.04 -6.93
CA ASN A 305 -21.53 16.80 -6.23
C ASN A 305 -22.68 16.43 -7.16
N VAL A 306 -22.37 16.06 -8.41
CA VAL A 306 -23.37 15.55 -9.33
C VAL A 306 -22.80 14.41 -10.09
N THR A 307 -23.68 13.62 -10.69
CA THR A 307 -23.29 12.52 -11.54
C THR A 307 -22.57 13.04 -12.80
N LYS A 308 -21.48 12.38 -13.19
CA LYS A 308 -20.82 12.65 -14.46
C LYS A 308 -20.91 11.41 -15.34
N TYR A 309 -20.91 11.65 -16.64
CA TYR A 309 -21.14 10.61 -17.64
C TYR A 309 -19.92 10.61 -18.51
N LEU A 310 -19.19 9.50 -18.51
CA LEU A 310 -17.89 9.43 -19.19
C LEU A 310 -18.06 8.76 -20.52
N ARG A 311 -17.52 9.38 -21.57
CA ARG A 311 -17.54 8.77 -22.90
C ARG A 311 -16.15 8.28 -23.29
N LEU A 312 -16.11 7.01 -23.72
CA LEU A 312 -14.89 6.31 -24.08
C LEU A 312 -14.50 6.74 -25.46
N PRO A 313 -13.18 6.86 -25.72
CA PRO A 313 -12.73 7.34 -27.04
C PRO A 313 -12.71 6.21 -28.06
N TYR A 314 -12.72 6.58 -29.34
CA TYR A 314 -12.51 5.62 -30.43
C TYR A 314 -11.16 4.94 -30.18
N PRO A 315 -10.99 3.64 -30.38
CA PRO A 315 -11.96 2.69 -30.92
C PRO A 315 -12.69 1.82 -29.86
N PHE A 316 -12.96 2.41 -28.70
CA PHE A 316 -13.56 1.66 -27.58
C PHE A 316 -14.98 2.09 -27.29
N SER A 317 -15.50 3.02 -28.09
CA SER A 317 -16.79 3.65 -27.80
C SER A 317 -17.99 2.71 -27.91
N ASN A 318 -17.88 1.61 -28.65
CA ASN A 318 -18.99 0.63 -28.78
C ASN A 318 -18.79 -0.72 -28.08
N LYS A 319 -17.75 -0.82 -27.25
CA LYS A 319 -17.38 -2.09 -26.65
C LYS A 319 -18.30 -2.44 -25.50
N GLN A 320 -18.34 -3.73 -25.17
CA GLN A 320 -19.04 -4.19 -24.00
C GLN A 320 -18.20 -3.73 -22.79
N VAL A 321 -18.81 -2.97 -21.91
CA VAL A 321 -18.17 -2.59 -20.64
C VAL A 321 -18.86 -3.18 -19.41
N ASP A 322 -18.09 -3.78 -18.49
CA ASP A 322 -18.59 -4.14 -17.13
C ASP A 322 -18.28 -3.05 -16.07
N LYS A 323 -19.33 -2.61 -15.38
CA LYS A 323 -19.27 -1.64 -14.29
C LYS A 323 -19.07 -2.33 -12.94
N TYR A 324 -18.27 -1.70 -12.09
CA TYR A 324 -18.07 -2.15 -10.72
C TYR A 324 -18.05 -0.89 -9.84
N LEU A 325 -19.24 -0.41 -9.54
CA LEU A 325 -19.45 0.86 -8.87
C LEU A 325 -19.64 0.61 -7.38
N LEU A 326 -18.88 1.36 -6.56
CA LEU A 326 -18.88 1.21 -5.12
C LEU A 326 -19.59 2.42 -4.57
N ARG A 327 -20.58 2.17 -3.71
CA ARG A 327 -21.34 3.24 -3.03
C ARG A 327 -21.63 2.84 -1.58
N PRO A 328 -21.72 3.80 -0.66
CA PRO A 328 -21.94 3.43 0.76
C PRO A 328 -23.32 2.86 1.02
N LEU A 329 -23.42 1.97 2.00
CA LEU A 329 -24.71 1.54 2.55
C LEU A 329 -25.16 2.56 3.62
N GLY A 330 -26.42 2.97 3.61
CA GLY A 330 -26.88 4.08 4.45
C GLY A 330 -27.06 3.53 5.85
N PRO A 331 -27.35 4.39 6.81
CA PRO A 331 -27.79 5.79 6.66
C PRO A 331 -26.68 6.83 6.70
N HIS A 332 -25.42 6.41 6.89
CA HIS A 332 -24.35 7.31 7.24
C HIS A 332 -23.51 7.85 6.05
N GLY A 333 -23.94 7.52 4.85
CA GLY A 333 -23.45 8.23 3.65
C GLY A 333 -21.98 7.89 3.50
N LEU A 334 -21.18 8.92 3.26
CA LEU A 334 -19.77 8.74 3.08
C LEU A 334 -19.08 8.31 4.37
N LEU A 335 -19.71 8.54 5.52
CA LEU A 335 -19.17 8.05 6.79
C LEU A 335 -19.63 6.64 7.15
N SER A 336 -20.24 5.94 6.19
CA SER A 336 -20.54 4.51 6.39
C SER A 336 -19.34 3.58 6.43
N LYS A 337 -19.46 2.51 7.23
CA LYS A 337 -18.49 1.46 7.28
C LYS A 337 -18.92 0.22 6.46
N SER A 338 -20.01 0.36 5.72
CA SER A 338 -20.51 -0.68 4.80
C SER A 338 -20.62 -0.14 3.37
N VAL A 339 -20.34 -1.02 2.42
CA VAL A 339 -20.32 -0.63 1.04
C VAL A 339 -21.09 -1.62 0.16
N GLN A 340 -21.67 -1.07 -0.90
CA GLN A 340 -22.38 -1.84 -1.89
C GLN A 340 -21.65 -1.81 -3.20
N LEU A 341 -21.58 -2.96 -3.85
CA LEU A 341 -21.06 -3.05 -5.19
C LEU A 341 -22.22 -3.21 -6.14
N ASN A 342 -22.42 -2.22 -7.02
CA ASN A 342 -23.55 -2.19 -7.98
C ASN A 342 -24.88 -2.50 -7.24
N GLY A 343 -25.06 -1.83 -6.10
CA GLY A 343 -26.23 -2.02 -5.25
C GLY A 343 -26.35 -3.29 -4.39
N LEU A 344 -25.34 -4.16 -4.33
CA LEU A 344 -25.30 -5.33 -3.43
C LEU A 344 -24.27 -5.11 -2.32
N THR A 345 -24.72 -5.14 -1.06
CA THR A 345 -23.83 -5.00 0.09
C THR A 345 -22.76 -6.08 0.07
N LEU A 346 -21.51 -5.68 0.28
CA LEU A 346 -20.40 -6.62 0.33
C LEU A 346 -20.23 -7.09 1.75
N LYS A 347 -20.31 -8.39 1.92
CA LYS A 347 -20.22 -9.06 3.23
C LYS A 347 -19.62 -10.41 2.98
N MET A 348 -18.80 -10.88 3.91
CA MET A 348 -18.29 -12.27 3.86
C MET A 348 -19.47 -13.26 3.78
N VAL A 349 -19.28 -14.36 3.04
CA VAL A 349 -20.30 -15.40 2.97
C VAL A 349 -20.30 -16.15 4.31
N ASP A 350 -19.10 -16.47 4.79
CA ASP A 350 -18.87 -16.96 6.15
C ASP A 350 -17.39 -16.74 6.49
N ASP A 351 -16.93 -17.22 7.65
CA ASP A 351 -15.54 -16.99 8.07
C ASP A 351 -14.46 -17.50 7.11
N GLN A 352 -14.80 -18.47 6.26
CA GLN A 352 -13.87 -18.99 5.26
C GLN A 352 -14.11 -18.53 3.81
N THR A 353 -15.13 -17.73 3.56
CA THR A 353 -15.64 -17.51 2.20
C THR A 353 -15.87 -16.02 1.87
N LEU A 354 -15.04 -15.47 0.97
CA LEU A 354 -15.27 -14.14 0.38
C LEU A 354 -16.39 -14.28 -0.65
N PRO A 355 -17.26 -13.27 -0.78
CA PRO A 355 -18.30 -13.33 -1.76
C PRO A 355 -17.74 -13.16 -3.18
N PRO A 356 -18.57 -13.49 -4.19
CA PRO A 356 -18.20 -13.13 -5.57
C PRO A 356 -18.33 -11.62 -5.74
N LEU A 357 -17.50 -11.03 -6.60
CA LEU A 357 -17.59 -9.59 -6.89
C LEU A 357 -18.25 -9.40 -8.24
N MET A 358 -19.53 -9.07 -8.22
CA MET A 358 -20.34 -9.18 -9.42
C MET A 358 -20.43 -7.91 -10.22
N GLU A 359 -20.11 -8.06 -11.50
CA GLU A 359 -20.16 -6.98 -12.46
C GLU A 359 -21.59 -6.58 -12.82
N LYS A 360 -21.71 -5.41 -13.43
CA LYS A 360 -22.95 -4.96 -14.04
C LYS A 360 -22.60 -4.62 -15.48
N PRO A 361 -23.02 -5.48 -16.44
CA PRO A 361 -22.76 -5.16 -17.84
C PRO A 361 -23.56 -3.96 -18.25
N LEU A 362 -22.92 -3.05 -18.99
CA LEU A 362 -23.62 -1.89 -19.51
C LEU A 362 -24.04 -2.09 -20.99
N ARG A 363 -25.04 -1.32 -21.41
CA ARG A 363 -25.46 -1.36 -22.81
C ARG A 363 -24.26 -0.87 -23.65
N PRO A 364 -23.77 -1.72 -24.58
CA PRO A 364 -22.73 -1.26 -25.49
C PRO A 364 -23.07 0.10 -26.10
N GLY A 365 -22.09 0.99 -26.16
CA GLY A 365 -22.31 2.34 -26.65
C GLY A 365 -22.83 3.35 -25.65
N SER A 366 -23.18 2.91 -24.43
CA SER A 366 -23.65 3.84 -23.41
C SER A 366 -22.49 4.56 -22.71
N SER A 367 -22.75 5.79 -22.26
CA SER A 367 -21.77 6.54 -21.50
C SER A 367 -21.71 5.94 -20.10
N LEU A 368 -20.55 6.07 -19.44
CA LEU A 368 -20.32 5.45 -18.13
C LEU A 368 -20.73 6.41 -17.03
N GLY A 369 -21.78 6.03 -16.29
CA GLY A 369 -22.33 6.89 -15.24
C GLY A 369 -21.54 6.77 -13.95
N LEU A 370 -21.14 7.90 -13.38
CA LEU A 370 -20.39 7.89 -12.13
C LEU A 370 -21.05 8.87 -11.19
N PRO A 371 -21.84 8.36 -10.22
CA PRO A 371 -22.57 9.28 -9.34
C PRO A 371 -21.65 10.18 -8.54
N ALA A 372 -22.18 11.28 -8.05
CA ALA A 372 -21.45 12.14 -7.15
C ALA A 372 -20.83 11.39 -6.00
N PHE A 373 -19.61 11.80 -5.61
CA PHE A 373 -18.92 11.22 -4.49
C PHE A 373 -18.90 9.68 -4.51
N SER A 374 -18.38 9.15 -5.60
CA SER A 374 -18.28 7.70 -5.74
C SER A 374 -17.01 7.31 -6.52
N TYR A 375 -16.71 6.03 -6.55
CA TYR A 375 -15.57 5.52 -7.32
C TYR A 375 -16.02 4.22 -7.97
N SER A 376 -15.47 3.96 -9.12
CA SER A 376 -15.89 2.78 -9.89
C SER A 376 -14.75 2.29 -10.73
N PHE A 377 -14.77 1.00 -11.00
CA PHE A 377 -13.95 0.40 -12.02
C PHE A 377 -14.86 0.04 -13.21
N PHE A 378 -14.28 0.03 -14.41
CA PHE A 378 -14.95 -0.31 -15.65
C PHE A 378 -14.00 -1.16 -16.48
N VAL A 379 -14.40 -2.39 -16.85
CA VAL A 379 -13.57 -3.25 -17.70
C VAL A 379 -14.12 -3.17 -19.11
N ILE A 380 -13.25 -2.82 -20.04
CA ILE A 380 -13.60 -2.66 -21.44
C ILE A 380 -13.24 -4.00 -22.09
N ARG A 381 -14.27 -4.79 -22.36
CA ARG A 381 -14.10 -6.15 -22.91
C ARG A 381 -13.84 -6.12 -24.39
N ASN A 382 -12.97 -7.01 -24.85
CA ASN A 382 -12.57 -7.07 -26.27
C ASN A 382 -11.97 -5.74 -26.75
N ALA A 383 -11.24 -5.07 -25.86
CA ALA A 383 -10.55 -3.84 -26.22
C ALA A 383 -9.42 -4.12 -27.22
N LYS A 384 -8.89 -5.34 -27.22
CA LYS A 384 -7.83 -5.77 -28.14
C LYS A 384 -6.65 -4.81 -28.17
N VAL A 385 -6.23 -4.35 -26.99
CA VAL A 385 -5.04 -3.50 -26.87
C VAL A 385 -3.78 -4.36 -26.91
N ALA A 386 -2.99 -4.22 -27.98
CA ALA A 386 -1.76 -5.04 -28.17
C ALA A 386 -0.71 -4.92 -27.05
N ALA A 387 -0.54 -3.73 -26.48
CA ALA A 387 0.33 -3.52 -25.34
C ALA A 387 -0.01 -4.34 -24.11
N CYS A 388 -1.28 -4.72 -23.99
CA CYS A 388 -1.75 -5.57 -22.89
C CYS A 388 -1.55 -7.06 -23.20
N ILE A 389 -1.75 -7.43 -24.47
CA ILE A 389 -1.67 -8.82 -24.93
C ILE A 389 -0.22 -9.31 -24.76
N GLN B 4 -23.86 21.06 -18.33
CA GLN B 4 -23.55 19.78 -19.05
C GLN B 4 -22.58 18.89 -18.22
N ASP B 5 -22.94 17.61 -18.10
CA ASP B 5 -22.22 16.67 -17.21
C ASP B 5 -21.65 15.45 -17.94
N VAL B 6 -21.40 15.64 -19.24
CA VAL B 6 -20.80 14.61 -20.08
C VAL B 6 -19.34 14.99 -20.24
N VAL B 7 -18.46 14.00 -20.14
CA VAL B 7 -17.02 14.22 -20.16
C VAL B 7 -16.35 13.19 -21.05
N ASP B 8 -15.48 13.69 -21.93
CA ASP B 8 -14.79 12.86 -22.89
C ASP B 8 -13.44 12.48 -22.29
N LEU B 9 -13.11 11.21 -22.40
CA LEU B 9 -11.82 10.65 -21.97
C LEU B 9 -10.87 10.45 -23.14
N ASP B 10 -9.59 10.76 -22.92
CA ASP B 10 -8.49 10.40 -23.85
C ASP B 10 -7.69 9.27 -23.19
N PHE B 11 -7.36 8.22 -23.97
CA PHE B 11 -6.59 7.05 -23.51
C PHE B 11 -5.27 6.94 -24.25
N PHE B 12 -4.19 6.72 -23.51
CA PHE B 12 -2.91 6.32 -24.12
C PHE B 12 -2.79 4.85 -23.96
N THR B 13 -2.73 4.12 -25.08
CA THR B 13 -2.67 2.65 -25.05
C THR B 13 -1.54 2.04 -25.89
N GLN B 14 -0.58 2.84 -26.37
CA GLN B 14 0.46 2.31 -27.30
C GLN B 14 1.38 1.31 -26.67
N GLU B 15 1.74 1.58 -25.43
CA GLU B 15 2.64 0.73 -24.67
C GLU B 15 2.47 0.96 -23.19
N PRO B 16 2.92 -0.01 -22.38
CA PRO B 16 2.88 0.22 -20.96
C PRO B 16 3.83 1.32 -20.57
N LEU B 17 3.36 2.23 -19.77
CA LEU B 17 4.18 3.32 -19.25
C LEU B 17 5.00 2.91 -18.05
N HIS B 18 4.47 2.01 -17.22
CA HIS B 18 5.16 1.38 -16.15
C HIS B 18 4.64 -0.02 -15.96
N LEU B 19 5.40 -0.76 -15.20
CA LEU B 19 5.00 -2.10 -14.80
C LEU B 19 5.07 -2.11 -13.28
N VAL B 20 3.96 -2.38 -12.63
CA VAL B 20 3.96 -2.53 -11.17
C VAL B 20 4.15 -3.98 -10.79
N SER B 21 4.52 -4.20 -9.56
CA SER B 21 4.65 -5.55 -9.05
C SER B 21 3.26 -6.15 -9.02
N PRO B 22 3.15 -7.50 -9.19
CA PRO B 22 1.89 -8.19 -8.88
C PRO B 22 1.44 -7.96 -7.43
N SER B 23 2.42 -7.78 -6.56
CA SER B 23 2.16 -7.34 -5.18
C SER B 23 2.04 -5.80 -4.98
N PHE B 24 1.71 -5.04 -6.04
CA PHE B 24 1.61 -3.60 -5.97
C PHE B 24 0.81 -3.09 -4.73
N LEU B 25 -0.35 -3.70 -4.49
CA LEU B 25 -1.13 -3.36 -3.34
C LEU B 25 -0.77 -4.29 -2.20
N SER B 26 0.07 -3.77 -1.33
CA SER B 26 0.60 -4.48 -0.20
C SER B 26 0.12 -3.86 1.10
N VAL B 27 0.50 -4.47 2.22
CA VAL B 27 -0.03 -4.07 3.53
C VAL B 27 1.02 -4.18 4.64
N THR B 28 0.76 -3.45 5.72
CA THR B 28 1.58 -3.54 6.89
C THR B 28 0.83 -4.13 8.07
N ILE B 29 1.62 -4.59 9.04
CA ILE B 29 1.14 -4.79 10.40
C ILE B 29 2.13 -3.99 11.24
N ASP B 30 1.60 -3.10 12.07
CA ASP B 30 2.46 -2.25 12.86
C ASP B 30 3.20 -3.12 13.90
N ALA B 31 4.48 -2.82 14.10
CA ALA B 31 5.32 -3.59 15.01
C ALA B 31 4.80 -3.54 16.44
N ASN B 32 4.10 -2.48 16.80
CA ASN B 32 3.45 -2.38 18.09
C ASN B 32 2.41 -3.44 18.39
N LEU B 33 1.87 -4.11 17.38
CA LEU B 33 0.88 -5.15 17.62
C LEU B 33 1.48 -6.36 18.35
N ALA B 34 2.79 -6.56 18.20
CA ALA B 34 3.50 -7.61 18.95
C ALA B 34 3.61 -7.35 20.47
N THR B 35 3.24 -6.16 20.94
CA THR B 35 3.18 -5.88 22.35
C THR B 35 1.80 -6.19 22.95
N ASP B 36 0.82 -6.49 22.11
CA ASP B 36 -0.52 -6.82 22.58
C ASP B 36 -0.43 -8.24 23.14
N PRO B 37 -0.88 -8.47 24.40
CA PRO B 37 -0.94 -9.82 24.99
C PRO B 37 -1.69 -10.86 24.15
N ARG B 38 -2.63 -10.40 23.33
CA ARG B 38 -3.43 -11.30 22.51
C ARG B 38 -2.91 -11.49 21.06
N PHE B 39 -1.65 -11.16 20.80
CA PHE B 39 -1.03 -11.26 19.45
C PHE B 39 -1.28 -12.63 18.80
N LEU B 40 -1.07 -13.69 19.57
CA LEU B 40 -1.22 -15.07 19.09
C LEU B 40 -2.66 -15.39 18.69
N ILE B 41 -3.62 -14.97 19.51
CA ILE B 41 -5.03 -15.18 19.20
C ILE B 41 -5.44 -14.42 17.93
N LEU B 42 -4.97 -13.18 17.84
CA LEU B 42 -5.38 -12.29 16.73
C LEU B 42 -4.90 -12.81 15.39
N LEU B 43 -3.61 -13.06 15.27
CA LEU B 43 -3.05 -13.58 14.03
C LEU B 43 -3.37 -15.06 13.77
N GLY B 44 -3.85 -15.78 14.79
CA GLY B 44 -4.38 -17.12 14.58
C GLY B 44 -5.81 -17.20 14.04
N SER B 45 -6.55 -16.09 14.04
CA SER B 45 -7.96 -16.06 13.61
C SER B 45 -8.12 -16.57 12.20
N PRO B 46 -8.90 -17.67 12.01
CA PRO B 46 -9.19 -18.11 10.65
C PRO B 46 -9.87 -17.05 9.79
N LYS B 47 -10.76 -16.24 10.39
CA LYS B 47 -11.43 -15.16 9.65
C LYS B 47 -10.42 -14.14 9.12
N LEU B 48 -9.49 -13.73 9.97
CA LEU B 48 -8.48 -12.78 9.56
C LEU B 48 -7.59 -13.41 8.46
N ARG B 49 -7.26 -14.67 8.62
CA ARG B 49 -6.48 -15.34 7.57
C ARG B 49 -7.20 -15.41 6.24
N THR B 50 -8.51 -15.58 6.26
CA THR B 50 -9.29 -15.62 5.03
C THR B 50 -9.20 -14.26 4.30
N LEU B 51 -9.40 -13.17 5.06
CA LEU B 51 -9.29 -11.81 4.51
C LEU B 51 -7.91 -11.52 3.95
N ALA B 52 -6.90 -11.94 4.71
CA ALA B 52 -5.50 -11.86 4.27
C ALA B 52 -5.22 -12.57 2.97
N ARG B 53 -5.72 -13.82 2.87
CA ARG B 53 -5.58 -14.62 1.64
C ARG B 53 -6.15 -13.92 0.43
N GLY B 54 -7.25 -13.22 0.64
CA GLY B 54 -7.90 -12.42 -0.43
C GLY B 54 -6.99 -11.43 -1.12
N LEU B 55 -6.03 -10.87 -0.37
CA LEU B 55 -5.10 -9.86 -0.91
C LEU B 55 -3.83 -10.45 -1.45
N SER B 56 -3.65 -11.77 -1.37
CA SER B 56 -2.48 -12.43 -1.95
C SER B 56 -2.52 -12.25 -3.47
N PRO B 57 -1.40 -12.02 -4.15
CA PRO B 57 -0.09 -11.82 -3.58
C PRO B 57 0.09 -10.36 -3.13
N ALA B 58 0.83 -10.24 -2.04
CA ALA B 58 1.13 -9.00 -1.38
C ALA B 58 2.30 -9.21 -0.43
N TYR B 59 3.08 -8.15 -0.26
CA TYR B 59 4.00 -8.06 0.85
C TYR B 59 3.27 -7.71 2.12
N LEU B 60 3.77 -8.24 3.25
CA LEU B 60 3.29 -7.91 4.57
C LEU B 60 4.50 -7.36 5.28
N ARG B 61 4.50 -6.05 5.50
CA ARG B 61 5.60 -5.37 6.18
C ARG B 61 5.29 -5.35 7.69
N PHE B 62 6.16 -5.97 8.48
CA PHE B 62 6.06 -5.89 9.94
C PHE B 62 6.99 -4.77 10.41
N GLY B 63 6.42 -3.66 10.78
CA GLY B 63 7.22 -2.51 11.08
C GLY B 63 6.44 -1.36 11.55
N GLY B 64 7.12 -0.44 12.20
CA GLY B 64 6.43 0.74 12.74
C GLY B 64 7.38 1.51 13.60
N THR B 65 6.88 2.55 14.24
CA THR B 65 7.71 3.31 15.17
C THR B 65 8.39 2.36 16.18
N LYS B 66 7.64 1.35 16.66
CA LYS B 66 8.11 0.37 17.63
C LYS B 66 9.26 -0.53 17.12
N THR B 67 9.44 -0.67 15.80
CA THR B 67 10.63 -1.40 15.24
C THR B 67 11.97 -1.05 15.91
N ASP B 68 12.13 0.22 16.23
CA ASP B 68 13.36 0.69 16.84
C ASP B 68 13.38 0.67 18.38
N PHE B 69 12.38 0.03 18.96
CA PHE B 69 12.28 -0.21 20.40
C PHE B 69 11.93 -1.68 20.68
N LEU B 70 12.27 -2.56 19.76
CA LEU B 70 12.03 -3.99 19.94
C LEU B 70 13.35 -4.75 19.97
N ILE B 71 13.53 -5.59 20.99
CA ILE B 71 14.74 -6.42 21.11
C ILE B 71 14.34 -7.91 21.14
N PHE B 72 15.00 -8.71 20.30
CA PHE B 72 14.75 -10.15 20.23
C PHE B 72 15.44 -10.78 21.44
N ASP B 73 14.71 -11.66 22.11
CA ASP B 73 15.18 -12.36 23.31
C ASP B 73 14.91 -13.85 23.06
N PRO B 74 15.96 -14.62 22.70
CA PRO B 74 15.81 -16.08 22.50
C PRO B 74 15.35 -16.89 23.73
N LYS B 75 15.45 -16.31 24.93
CA LYS B 75 15.06 -17.00 26.17
C LYS B 75 13.56 -16.92 26.48
N LYS B 76 12.89 -15.87 25.99
CA LYS B 76 11.53 -15.52 26.47
C LYS B 76 10.50 -16.61 26.18
N GLU B 77 9.46 -16.67 27.00
CA GLU B 77 8.38 -17.64 26.84
C GLU B 77 7.25 -17.01 26.04
#